data_8YHF
#
_entry.id   8YHF
#
_cell.length_a   42.196
_cell.length_b   76.764
_cell.length_c   89.707
_cell.angle_alpha   90.000
_cell.angle_beta   90.000
_cell.angle_gamma   90.000
#
_symmetry.space_group_name_H-M   'P 21 21 21'
#
loop_
_entity.id
_entity.type
_entity.pdbx_description
1 polymer 'TGF-beta receptor type-1'
2 non-polymer Vactosertib
3 water water
#
_entity_poly.entity_id   1
_entity_poly.type   'polypeptide(L)'
_entity_poly.pdbx_seq_one_letter_code
;GEDPSLDRPFISEGTTLKDLIYDMTTSGSGSGLPLLVQRTIARTIVLQESIGKGRFGEVWRGKWRGEEVAVKIFSSREER
SWFREAEIYQTVMLRHENILGFIAADNKDNGTWTQLWLVSDYHEHGSLFDYLNRYTVTVEGMIKLALSTASGLAHLHMEI
VGTQGKPAIAHRDLKSKNILVKKNGTCCIADLGLAVRHDSATDTIDIAPNHRVGTKRYMAPEVLDDSINMKHFESFKRAD
IYAMGLVFWEIARRCSIGGIHEDYQLPYYDLVPSDPSVEEMRKVVCEQKLRPNIPNRWQSCEALRVMAKIMRECWYANGA
ARLTALRIKKTLSQLSQQEGIKM
;
_entity_poly.pdbx_strand_id   A
#
loop_
_chem_comp.id
_chem_comp.type
_chem_comp.name
_chem_comp.formula
A1D6I non-polymer Vactosertib 'C22 H18 F N7'
#
# COMPACT_ATOMS: atom_id res chain seq x y z
N ILE A 41 12.87 -9.08 -22.60
CA ILE A 41 12.11 -8.10 -21.78
C ILE A 41 12.35 -6.70 -22.34
N ALA A 42 13.29 -5.95 -21.74
CA ALA A 42 13.44 -4.52 -21.98
C ALA A 42 13.70 -4.24 -23.46
N ARG A 43 14.49 -5.13 -24.10
CA ARG A 43 14.83 -5.01 -25.50
C ARG A 43 13.60 -4.79 -26.38
N THR A 44 12.46 -5.37 -25.99
CA THR A 44 11.29 -5.47 -26.85
C THR A 44 10.16 -4.58 -26.35
N ILE A 45 10.43 -3.72 -25.37
CA ILE A 45 9.40 -2.83 -24.84
C ILE A 45 9.67 -1.40 -25.31
N VAL A 46 8.59 -0.74 -25.74
CA VAL A 46 8.62 0.63 -26.21
C VAL A 46 7.85 1.52 -25.24
N LEU A 47 8.52 2.53 -24.71
CA LEU A 47 7.89 3.48 -23.78
C LEU A 47 7.00 4.45 -24.54
N GLN A 48 5.82 4.74 -23.99
CA GLN A 48 4.79 5.50 -24.69
C GLN A 48 4.40 6.79 -23.97
N GLU A 49 4.35 6.77 -22.63
CA GLU A 49 3.72 7.84 -21.86
C GLU A 49 4.30 7.82 -20.45
N SER A 50 4.70 8.98 -19.93
CA SER A 50 5.18 9.06 -18.56
CA SER A 50 5.19 9.11 -18.56
C SER A 50 4.01 9.14 -17.61
N ILE A 51 4.06 8.32 -16.54
CA ILE A 51 2.98 8.25 -15.57
C ILE A 51 3.34 9.12 -14.36
N GLY A 52 4.55 9.01 -13.86
CA GLY A 52 4.90 9.72 -12.65
C GLY A 52 6.19 9.22 -12.01
N LYS A 53 6.75 10.05 -11.13
CA LYS A 53 7.94 9.73 -10.37
C LYS A 53 7.57 9.40 -8.94
N GLY A 54 7.98 8.21 -8.50
CA GLY A 54 7.79 7.79 -7.12
C GLY A 54 8.99 8.16 -6.26
N ARG A 55 9.28 7.31 -5.27
CA ARG A 55 10.38 7.58 -4.35
C ARG A 55 11.68 7.73 -5.13
N PHE A 56 11.95 6.76 -6.03
CA PHE A 56 13.09 6.79 -6.93
C PHE A 56 12.62 6.28 -8.28
N GLY A 57 13.23 6.80 -9.34
CA GLY A 57 12.91 6.37 -10.69
C GLY A 57 11.61 6.97 -11.20
N GLU A 58 11.18 6.50 -12.36
CA GLU A 58 10.03 7.06 -13.06
C GLU A 58 9.24 5.91 -13.67
N VAL A 59 7.92 5.98 -13.57
CA VAL A 59 7.04 4.97 -14.13
C VAL A 59 6.50 5.43 -15.48
N TRP A 60 6.47 4.48 -16.43
CA TRP A 60 6.01 4.70 -17.80
C TRP A 60 4.97 3.67 -18.16
N ARG A 61 4.07 4.06 -19.06
CA ARG A 61 3.26 3.09 -19.79
C ARG A 61 4.05 2.68 -21.02
N GLY A 62 4.26 1.38 -21.19
CA GLY A 62 5.02 0.86 -22.32
C GLY A 62 4.25 -0.24 -23.03
N LYS A 63 4.74 -0.66 -24.21
CA LYS A 63 4.10 -1.72 -24.95
C LYS A 63 5.10 -2.86 -25.14
N TRP A 64 4.66 -4.06 -24.76
CA TRP A 64 5.41 -5.30 -24.89
C TRP A 64 4.58 -6.24 -25.76
N ARG A 65 5.12 -6.58 -26.94
CA ARG A 65 4.39 -7.42 -27.89
C ARG A 65 2.95 -6.93 -28.08
N GLY A 66 2.74 -5.61 -28.07
CA GLY A 66 1.46 -5.00 -28.34
C GLY A 66 0.63 -4.70 -27.09
N GLU A 67 1.00 -5.32 -25.97
CA GLU A 67 0.27 -5.29 -24.72
C GLU A 67 0.84 -4.18 -23.84
N GLU A 68 -0.04 -3.40 -23.17
CA GLU A 68 0.39 -2.37 -22.26
CA GLU A 68 0.42 -2.37 -22.27
C GLU A 68 1.01 -3.04 -21.03
N VAL A 69 2.16 -2.51 -20.60
CA VAL A 69 2.77 -2.87 -19.33
C VAL A 69 3.17 -1.56 -18.65
N ALA A 70 3.44 -1.63 -17.35
CA ALA A 70 4.06 -0.51 -16.65
C ALA A 70 5.54 -0.81 -16.48
N VAL A 71 6.37 0.23 -16.62
CA VAL A 71 7.81 0.12 -16.53
C VAL A 71 8.31 1.17 -15.55
N LYS A 72 9.01 0.73 -14.50
CA LYS A 72 9.68 1.64 -13.58
C LYS A 72 11.15 1.66 -13.91
N ILE A 73 11.68 2.84 -14.21
CA ILE A 73 13.05 2.98 -14.69
C ILE A 73 13.89 3.74 -13.65
N PHE A 74 15.05 3.19 -13.31
CA PHE A 74 15.98 3.74 -12.36
C PHE A 74 17.32 4.02 -13.04
N SER A 75 18.10 4.97 -12.52
CA SER A 75 19.44 5.20 -13.01
C SER A 75 20.45 4.29 -12.31
N SER A 76 21.68 4.30 -12.81
CA SER A 76 22.78 3.50 -12.28
C SER A 76 23.01 3.77 -10.79
N ARG A 77 22.84 5.03 -10.36
CA ARG A 77 23.13 5.37 -8.98
C ARG A 77 21.98 4.96 -8.05
N GLU A 78 20.88 4.42 -8.60
CA GLU A 78 19.73 3.98 -7.82
C GLU A 78 19.64 2.45 -7.82
N GLU A 79 20.75 1.78 -8.08
CA GLU A 79 20.75 0.32 -8.19
CA GLU A 79 20.75 0.32 -8.19
C GLU A 79 20.23 -0.33 -6.91
N ARG A 80 20.57 0.21 -5.74
CA ARG A 80 20.17 -0.45 -4.50
C ARG A 80 18.65 -0.46 -4.36
N SER A 81 17.99 0.64 -4.75
CA SER A 81 16.54 0.75 -4.66
CA SER A 81 16.55 0.74 -4.66
C SER A 81 15.87 -0.20 -5.65
N TRP A 82 16.39 -0.23 -6.87
CA TRP A 82 15.90 -1.12 -7.90
C TRP A 82 16.05 -2.58 -7.46
N PHE A 83 17.25 -2.96 -7.00
CA PHE A 83 17.53 -4.34 -6.62
C PHE A 83 16.60 -4.79 -5.49
N ARG A 84 16.45 -3.93 -4.48
CA ARG A 84 15.65 -4.34 -3.32
C ARG A 84 14.19 -4.55 -3.72
N GLU A 85 13.66 -3.69 -4.59
CA GLU A 85 12.27 -3.86 -5.02
C GLU A 85 12.15 -5.15 -5.85
N ALA A 86 13.09 -5.39 -6.77
CA ALA A 86 13.13 -6.64 -7.53
C ALA A 86 13.17 -7.84 -6.60
N GLU A 87 14.00 -7.76 -5.56
CA GLU A 87 14.14 -8.85 -4.61
C GLU A 87 12.81 -9.14 -3.90
N ILE A 88 12.11 -8.11 -3.44
CA ILE A 88 10.85 -8.34 -2.77
C ILE A 88 9.84 -8.98 -3.73
N TYR A 89 9.72 -8.46 -4.96
CA TYR A 89 8.74 -9.00 -5.89
C TYR A 89 9.07 -10.43 -6.33
N GLN A 90 10.33 -10.87 -6.22
CA GLN A 90 10.70 -12.23 -6.59
C GLN A 90 10.61 -13.20 -5.43
N THR A 91 10.08 -12.77 -4.28
CA THR A 91 9.84 -13.64 -3.14
C THR A 91 9.01 -14.85 -3.56
N VAL A 92 9.41 -16.04 -3.09
CA VAL A 92 8.65 -17.25 -3.34
C VAL A 92 7.22 -17.11 -2.86
N MET A 93 6.27 -17.57 -3.69
CA MET A 93 4.85 -17.65 -3.38
C MET A 93 4.21 -16.27 -3.11
N LEU A 94 4.80 -15.20 -3.64
CA LEU A 94 4.23 -13.87 -3.39
C LEU A 94 2.98 -13.58 -4.24
N ARG A 95 2.91 -14.09 -5.48
CA ARG A 95 1.86 -13.64 -6.38
C ARG A 95 0.47 -13.90 -5.79
N HIS A 96 -0.39 -12.90 -6.00
CA HIS A 96 -1.72 -12.86 -5.41
C HIS A 96 -2.52 -11.81 -6.18
N GLU A 97 -3.83 -12.00 -6.31
CA GLU A 97 -4.64 -11.08 -7.11
C GLU A 97 -4.64 -9.64 -6.57
N ASN A 98 -4.30 -9.44 -5.29
CA ASN A 98 -4.31 -8.12 -4.69
C ASN A 98 -2.89 -7.62 -4.41
N ILE A 99 -1.88 -8.21 -5.07
CA ILE A 99 -0.51 -7.68 -5.14
C ILE A 99 -0.21 -7.40 -6.61
N LEU A 100 0.39 -6.24 -6.92
CA LEU A 100 0.73 -5.92 -8.29
C LEU A 100 1.52 -7.07 -8.92
N GLY A 101 1.07 -7.46 -10.12
CA GLY A 101 1.68 -8.54 -10.89
C GLY A 101 3.03 -8.14 -11.48
N PHE A 102 4.09 -8.79 -11.00
CA PHE A 102 5.45 -8.46 -11.42
C PHE A 102 5.81 -9.32 -12.62
N ILE A 103 6.41 -8.72 -13.65
CA ILE A 103 6.81 -9.45 -14.85
C ILE A 103 8.31 -9.72 -14.84
N ALA A 104 9.15 -8.69 -14.69
CA ALA A 104 10.60 -8.90 -14.79
C ALA A 104 11.40 -7.70 -14.28
N ALA A 105 12.63 -7.99 -13.84
CA ALA A 105 13.68 -6.99 -13.66
C ALA A 105 14.64 -7.13 -14.83
N ASP A 106 15.17 -6.02 -15.36
CA ASP A 106 16.12 -6.12 -16.46
C ASP A 106 17.00 -4.87 -16.49
N ASN A 107 18.02 -4.92 -17.35
CA ASN A 107 18.87 -3.79 -17.65
C ASN A 107 18.70 -3.46 -19.14
N LYS A 108 18.79 -2.17 -19.49
CA LYS A 108 18.77 -1.74 -20.88
C LYS A 108 19.87 -0.71 -21.08
N ASP A 109 20.81 -0.97 -22.00
CA ASP A 109 21.87 -0.03 -22.31
C ASP A 109 21.49 0.71 -23.60
N ASN A 110 21.34 2.02 -23.53
CA ASN A 110 20.87 2.79 -24.68
C ASN A 110 22.03 3.23 -25.58
N GLY A 111 23.28 2.90 -25.21
CA GLY A 111 24.46 3.33 -25.94
C GLY A 111 25.26 4.42 -25.24
N THR A 112 24.64 5.10 -24.25
CA THR A 112 25.32 6.12 -23.46
C THR A 112 25.27 5.76 -21.99
N TRP A 113 24.09 5.39 -21.49
CA TRP A 113 23.96 5.00 -20.09
C TRP A 113 23.08 3.76 -19.95
N THR A 114 23.17 3.15 -18.77
CA THR A 114 22.38 1.98 -18.43
C THR A 114 21.13 2.39 -17.64
N GLN A 115 19.99 1.81 -18.04
CA GLN A 115 18.73 1.95 -17.32
CA GLN A 115 18.72 1.94 -17.33
C GLN A 115 18.43 0.62 -16.61
N LEU A 116 17.94 0.72 -15.38
CA LEU A 116 17.52 -0.44 -14.62
C LEU A 116 16.00 -0.46 -14.56
N TRP A 117 15.41 -1.56 -15.05
CA TRP A 117 13.97 -1.63 -15.27
C TRP A 117 13.28 -2.61 -14.34
N LEU A 118 12.07 -2.25 -13.88
CA LEU A 118 11.10 -3.22 -13.36
C LEU A 118 9.84 -3.14 -14.22
N VAL A 119 9.30 -4.29 -14.61
CA VAL A 119 8.15 -4.34 -15.48
C VAL A 119 7.01 -5.04 -14.74
N SER A 120 5.82 -4.47 -14.82
CA SER A 120 4.65 -5.00 -14.13
C SER A 120 3.44 -4.93 -15.03
N ASP A 121 2.35 -5.54 -14.57
CA ASP A 121 1.03 -5.34 -15.16
C ASP A 121 0.71 -3.84 -15.19
N TYR A 122 -0.08 -3.41 -16.18
CA TYR A 122 -0.56 -2.05 -16.28
C TYR A 122 -2.04 -2.02 -15.96
N HIS A 123 -2.45 -1.05 -15.13
CA HIS A 123 -3.83 -0.86 -14.75
C HIS A 123 -4.26 0.55 -15.14
N GLU A 124 -5.18 0.65 -16.11
CA GLU A 124 -5.55 1.92 -16.70
C GLU A 124 -6.12 2.93 -15.71
N HIS A 125 -6.82 2.48 -14.65
CA HIS A 125 -7.36 3.42 -13.67
C HIS A 125 -6.23 4.10 -12.89
N GLY A 126 -5.05 3.48 -12.84
CA GLY A 126 -3.96 3.98 -12.01
C GLY A 126 -4.26 3.78 -10.52
N SER A 127 -3.74 4.70 -9.71
CA SER A 127 -3.77 4.52 -8.27
C SER A 127 -5.16 4.74 -7.73
N LEU A 128 -5.37 4.19 -6.54
CA LEU A 128 -6.56 4.44 -5.74
C LEU A 128 -6.71 5.93 -5.45
N PHE A 129 -5.61 6.63 -5.20
CA PHE A 129 -5.65 8.07 -5.03
C PHE A 129 -6.27 8.72 -6.27
N ASP A 130 -5.77 8.39 -7.46
CA ASP A 130 -6.31 8.98 -8.69
C ASP A 130 -7.78 8.60 -8.83
N TYR A 131 -8.11 7.33 -8.62
CA TYR A 131 -9.46 6.81 -8.78
C TYR A 131 -10.45 7.54 -7.88
N LEU A 132 -10.11 7.70 -6.60
CA LEU A 132 -11.00 8.33 -5.63
C LEU A 132 -11.13 9.83 -5.87
N ASN A 133 -10.12 10.46 -6.46
CA ASN A 133 -10.23 11.85 -6.89
C ASN A 133 -11.22 11.98 -8.05
N ARG A 134 -11.22 11.01 -8.97
CA ARG A 134 -11.98 11.12 -10.20
C ARG A 134 -13.44 10.69 -10.00
N TYR A 135 -13.68 9.71 -9.15
CA TYR A 135 -14.96 9.03 -9.09
C TYR A 135 -15.52 8.99 -7.67
N THR A 136 -16.83 8.80 -7.56
CA THR A 136 -17.46 8.30 -6.35
C THR A 136 -17.71 6.81 -6.56
N VAL A 137 -17.99 6.11 -5.46
CA VAL A 137 -18.22 4.69 -5.48
C VAL A 137 -19.57 4.38 -4.82
N THR A 138 -20.12 3.22 -5.18
CA THR A 138 -21.29 2.66 -4.51
C THR A 138 -20.88 1.96 -3.22
N VAL A 139 -21.88 1.55 -2.42
CA VAL A 139 -21.60 0.75 -1.25
C VAL A 139 -20.86 -0.51 -1.69
N GLU A 140 -21.38 -1.19 -2.73
CA GLU A 140 -20.76 -2.39 -3.26
C GLU A 140 -19.30 -2.09 -3.65
N GLY A 141 -19.11 -0.98 -4.36
CA GLY A 141 -17.80 -0.57 -4.85
C GLY A 141 -16.83 -0.32 -3.71
N MET A 142 -17.31 0.35 -2.67
CA MET A 142 -16.50 0.65 -1.49
C MET A 142 -16.04 -0.67 -0.87
N ILE A 143 -16.97 -1.61 -0.68
CA ILE A 143 -16.64 -2.83 0.02
C ILE A 143 -15.60 -3.61 -0.80
N LYS A 144 -15.74 -3.58 -2.12
CA LYS A 144 -14.84 -4.29 -3.02
C LYS A 144 -13.43 -3.71 -2.90
N LEU A 145 -13.29 -2.39 -2.90
CA LEU A 145 -11.98 -1.76 -2.75
C LEU A 145 -11.37 -2.08 -1.39
N ALA A 146 -12.16 -1.99 -0.32
CA ALA A 146 -11.63 -2.21 1.02
C ALA A 146 -11.25 -3.67 1.22
N LEU A 147 -12.13 -4.59 0.79
CA LEU A 147 -11.89 -6.01 0.98
C LEU A 147 -10.65 -6.45 0.19
N SER A 148 -10.52 -5.99 -1.05
CA SER A 148 -9.39 -6.39 -1.87
C SER A 148 -8.08 -5.85 -1.26
N THR A 149 -8.09 -4.61 -0.76
CA THR A 149 -6.91 -4.05 -0.11
C THR A 149 -6.54 -4.89 1.11
N ALA A 150 -7.54 -5.19 1.97
CA ALA A 150 -7.26 -5.97 3.17
C ALA A 150 -6.76 -7.37 2.82
N SER A 151 -7.29 -7.97 1.75
CA SER A 151 -6.88 -9.29 1.33
CA SER A 151 -6.88 -9.29 1.33
C SER A 151 -5.42 -9.29 0.88
N GLY A 152 -5.03 -8.26 0.12
CA GLY A 152 -3.62 -8.13 -0.28
C GLY A 152 -2.70 -7.94 0.91
N LEU A 153 -3.11 -7.12 1.88
CA LEU A 153 -2.28 -6.90 3.06
C LEU A 153 -2.20 -8.17 3.92
N ALA A 154 -3.31 -8.89 4.07
CA ALA A 154 -3.28 -10.13 4.82
C ALA A 154 -2.34 -11.15 4.17
N HIS A 155 -2.35 -11.19 2.83
CA HIS A 155 -1.44 -12.08 2.12
C HIS A 155 0.01 -11.67 2.34
N LEU A 156 0.32 -10.38 2.22
CA LEU A 156 1.65 -9.88 2.48
CA LEU A 156 1.67 -9.91 2.45
C LEU A 156 2.11 -10.31 3.87
N HIS A 157 1.26 -10.03 4.87
CA HIS A 157 1.59 -10.25 6.27
C HIS A 157 1.73 -11.74 6.64
N MET A 158 1.08 -12.62 5.87
CA MET A 158 0.93 -14.02 6.26
CA MET A 158 0.97 -14.01 6.31
C MET A 158 2.18 -14.82 5.87
N GLU A 159 2.76 -15.56 6.81
CA GLU A 159 3.76 -16.55 6.46
C GLU A 159 3.06 -17.77 5.87
N ILE A 160 3.58 -18.28 4.75
CA ILE A 160 3.14 -19.57 4.22
C ILE A 160 4.25 -20.56 4.49
N VAL A 161 3.95 -21.51 5.39
CA VAL A 161 4.92 -22.50 5.78
C VAL A 161 4.94 -23.63 4.76
N GLY A 162 6.16 -24.06 4.39
CA GLY A 162 6.34 -25.19 3.48
C GLY A 162 7.68 -25.12 2.76
N THR A 163 7.95 -26.16 1.95
CA THR A 163 9.17 -26.23 1.17
CA THR A 163 9.19 -26.22 1.18
C THR A 163 9.28 -25.01 0.24
N GLN A 164 8.14 -24.65 -0.38
CA GLN A 164 8.06 -23.40 -1.12
C GLN A 164 7.37 -22.39 -0.19
N GLY A 165 8.16 -21.84 0.72
CA GLY A 165 7.63 -21.03 1.80
C GLY A 165 7.65 -19.55 1.44
N LYS A 166 6.59 -18.84 1.86
CA LYS A 166 6.60 -17.40 1.75
C LYS A 166 6.84 -16.82 3.13
N PRO A 167 7.85 -15.94 3.30
CA PRO A 167 8.02 -15.21 4.56
C PRO A 167 6.88 -14.21 4.75
N ALA A 168 6.57 -13.90 6.02
CA ALA A 168 5.74 -12.73 6.32
C ALA A 168 6.47 -11.47 5.85
N ILE A 169 5.70 -10.51 5.32
CA ILE A 169 6.26 -9.28 4.78
C ILE A 169 5.45 -8.10 5.31
N ALA A 170 6.15 -7.04 5.74
CA ALA A 170 5.49 -5.79 6.08
C ALA A 170 5.87 -4.74 5.03
N HIS A 171 4.92 -3.87 4.71
CA HIS A 171 5.03 -2.96 3.59
C HIS A 171 5.89 -1.72 3.90
N ARG A 172 5.50 -1.01 4.97
CA ARG A 172 6.17 0.16 5.52
CA ARG A 172 6.16 0.17 5.53
C ARG A 172 5.86 1.46 4.76
N ASP A 173 5.10 1.41 3.67
CA ASP A 173 4.70 2.66 3.03
C ASP A 173 3.34 2.52 2.35
N LEU A 174 2.37 1.98 3.06
CA LEU A 174 1.05 1.79 2.48
C LEU A 174 0.31 3.12 2.46
N LYS A 175 -0.33 3.43 1.32
CA LYS A 175 -1.08 4.64 1.14
C LYS A 175 -1.85 4.52 -0.16
N SER A 176 -2.78 5.44 -0.39
CA SER A 176 -3.64 5.32 -1.55
C SER A 176 -2.88 5.51 -2.87
N LYS A 177 -1.77 6.24 -2.88
CA LYS A 177 -0.99 6.39 -4.10
C LYS A 177 -0.25 5.10 -4.47
N ASN A 178 -0.09 4.16 -3.53
CA ASN A 178 0.64 2.92 -3.76
C ASN A 178 -0.29 1.72 -3.92
N ILE A 179 -1.59 1.96 -4.12
CA ILE A 179 -2.55 0.91 -4.40
C ILE A 179 -3.15 1.22 -5.77
N LEU A 180 -3.29 0.20 -6.62
CA LEU A 180 -3.82 0.37 -7.97
C LEU A 180 -5.23 -0.21 -8.04
N VAL A 181 -6.08 0.38 -8.89
CA VAL A 181 -7.42 -0.14 -9.08
C VAL A 181 -7.49 -0.83 -10.44
N LYS A 182 -7.89 -2.09 -10.42
CA LYS A 182 -8.03 -2.88 -11.64
C LYS A 182 -9.37 -2.60 -12.32
N LYS A 183 -9.49 -3.02 -13.59
CA LYS A 183 -10.71 -2.81 -14.35
C LYS A 183 -11.91 -3.44 -13.65
N ASN A 184 -11.71 -4.55 -12.92
CA ASN A 184 -12.80 -5.26 -12.25
C ASN A 184 -13.17 -4.61 -10.91
N GLY A 185 -12.57 -3.46 -10.57
CA GLY A 185 -12.96 -2.71 -9.38
C GLY A 185 -12.32 -3.19 -8.08
N THR A 186 -11.35 -4.10 -8.18
CA THR A 186 -10.57 -4.53 -7.04
C THR A 186 -9.21 -3.85 -7.06
N CYS A 187 -8.53 -3.90 -5.92
CA CYS A 187 -7.26 -3.21 -5.73
C CYS A 187 -6.10 -4.19 -5.75
N CYS A 188 -4.90 -3.69 -6.08
CA CYS A 188 -3.70 -4.44 -5.79
C CYS A 188 -2.63 -3.48 -5.26
N ILE A 189 -1.81 -4.01 -4.35
CA ILE A 189 -0.80 -3.24 -3.65
C ILE A 189 0.50 -3.20 -4.45
N ALA A 190 1.10 -2.00 -4.51
CA ALA A 190 2.37 -1.75 -5.19
C ALA A 190 3.35 -1.04 -4.26
N ASP A 191 4.47 -0.54 -4.83
CA ASP A 191 5.66 -0.05 -4.15
C ASP A 191 6.05 -0.90 -2.95
N LEU A 192 6.58 -2.09 -3.26
CA LEU A 192 7.13 -2.95 -2.23
C LEU A 192 8.61 -2.69 -1.97
N GLY A 193 9.17 -1.57 -2.46
CA GLY A 193 10.59 -1.30 -2.29
C GLY A 193 11.07 -1.14 -0.86
N LEU A 194 10.19 -0.69 0.06
CA LEU A 194 10.59 -0.47 1.44
C LEU A 194 10.17 -1.64 2.33
N ALA A 195 9.67 -2.73 1.76
CA ALA A 195 9.18 -3.85 2.55
C ALA A 195 10.30 -4.54 3.32
N VAL A 196 9.90 -5.23 4.41
CA VAL A 196 10.82 -6.03 5.20
CA VAL A 196 10.80 -6.02 5.24
C VAL A 196 10.24 -7.44 5.34
N ARG A 197 11.14 -8.42 5.34
CA ARG A 197 10.72 -9.82 5.36
C ARG A 197 11.18 -10.47 6.66
N HIS A 198 10.31 -11.32 7.22
CA HIS A 198 10.54 -11.95 8.51
C HIS A 198 11.03 -13.38 8.34
N ASP A 199 12.05 -13.77 9.13
CA ASP A 199 12.42 -15.17 9.31
C ASP A 199 11.82 -15.69 10.61
N SER A 200 10.82 -16.57 10.50
CA SER A 200 10.06 -17.03 11.65
C SER A 200 10.91 -17.86 12.61
N ALA A 201 11.87 -18.62 12.08
CA ALA A 201 12.68 -19.52 12.90
C ALA A 201 13.47 -18.72 13.94
N THR A 202 13.99 -17.55 13.55
CA THR A 202 14.88 -16.76 14.40
C THR A 202 14.19 -15.51 14.95
N ASP A 203 13.02 -15.15 14.39
CA ASP A 203 12.36 -13.88 14.68
C ASP A 203 13.31 -12.73 14.36
N THR A 204 13.89 -12.75 13.16
CA THR A 204 14.75 -11.69 12.65
C THR A 204 14.20 -11.19 11.32
N ILE A 205 14.69 -10.02 10.91
CA ILE A 205 14.24 -9.31 9.72
CA ILE A 205 14.22 -9.40 9.68
C ILE A 205 15.41 -9.27 8.73
N ASP A 206 15.12 -9.31 7.43
CA ASP A 206 16.16 -9.53 6.43
C ASP A 206 17.03 -8.29 6.17
N ILE A 207 16.62 -7.11 6.62
CA ILE A 207 17.48 -5.95 6.56
C ILE A 207 17.51 -5.29 7.93
N ALA A 208 18.37 -4.27 8.06
CA ALA A 208 18.50 -3.48 9.29
C ALA A 208 17.68 -2.20 9.14
N PRO A 209 16.42 -2.17 9.62
CA PRO A 209 15.52 -1.05 9.34
C PRO A 209 15.99 0.28 9.92
N ASN A 210 15.84 1.33 9.11
CA ASN A 210 15.96 2.71 9.57
C ASN A 210 14.61 3.20 10.07
N HIS A 211 14.64 4.31 10.81
CA HIS A 211 13.44 4.88 11.39
C HIS A 211 12.75 5.71 10.31
N ARG A 212 11.41 5.69 10.30
CA ARG A 212 10.61 6.66 9.56
C ARG A 212 11.02 6.70 8.09
N VAL A 213 10.89 5.56 7.38
CA VAL A 213 11.27 5.47 5.97
C VAL A 213 10.16 5.92 5.02
N GLY A 214 8.92 5.89 5.45
CA GLY A 214 7.80 6.01 4.54
C GLY A 214 7.24 7.44 4.44
N THR A 215 5.96 7.50 4.12
CA THR A 215 5.24 8.74 3.91
C THR A 215 4.78 9.28 5.27
N LYS A 216 5.15 10.53 5.59
CA LYS A 216 4.97 11.02 6.96
C LYS A 216 3.48 11.04 7.34
N ARG A 217 2.61 11.45 6.41
CA ARG A 217 1.19 11.55 6.71
C ARG A 217 0.58 10.25 7.21
N TYR A 218 1.09 9.11 6.72
CA TYR A 218 0.51 7.81 7.02
C TYR A 218 1.28 7.07 8.12
N MET A 219 2.30 7.70 8.71
CA MET A 219 3.09 7.06 9.75
C MET A 219 2.27 6.86 11.03
N ALA A 220 2.37 5.65 11.57
CA ALA A 220 1.72 5.32 12.82
C ALA A 220 2.30 6.15 13.97
N PRO A 221 1.51 6.36 15.04
CA PRO A 221 1.99 7.11 16.21
C PRO A 221 3.36 6.66 16.72
N GLU A 222 3.56 5.33 16.81
CA GLU A 222 4.80 4.79 17.35
C GLU A 222 5.97 4.98 16.39
N VAL A 223 5.69 5.16 15.09
CA VAL A 223 6.72 5.52 14.13
C VAL A 223 7.06 7.01 14.27
N LEU A 224 6.04 7.87 14.38
CA LEU A 224 6.25 9.30 14.51
C LEU A 224 7.07 9.65 15.75
N ASP A 225 6.80 8.98 16.88
CA ASP A 225 7.50 9.35 18.11
C ASP A 225 8.71 8.45 18.35
N ASP A 226 8.98 7.50 17.43
CA ASP A 226 10.18 6.68 17.42
C ASP A 226 10.19 5.68 18.58
N SER A 227 9.02 5.35 19.11
CA SER A 227 8.93 4.40 20.20
C SER A 227 8.83 2.97 19.67
N ILE A 228 8.56 2.81 18.37
CA ILE A 228 8.40 1.49 17.77
C ILE A 228 9.66 0.67 18.02
N ASN A 229 9.45 -0.60 18.40
CA ASN A 229 10.54 -1.54 18.55
C ASN A 229 10.77 -2.23 17.21
N MET A 230 11.83 -1.80 16.51
CA MET A 230 12.04 -2.24 15.14
C MET A 230 12.80 -3.55 15.07
N LYS A 231 13.09 -4.17 16.22
CA LYS A 231 13.53 -5.55 16.26
C LYS A 231 12.34 -6.49 16.30
N HIS A 232 11.12 -5.94 16.49
CA HIS A 232 9.90 -6.73 16.62
C HIS A 232 9.11 -6.66 15.32
N PHE A 233 9.11 -7.74 14.51
CA PHE A 233 8.48 -7.70 13.20
C PHE A 233 6.99 -7.38 13.32
N GLU A 234 6.32 -7.88 14.37
CA GLU A 234 4.90 -7.62 14.54
C GLU A 234 4.63 -6.11 14.57
N SER A 235 5.58 -5.32 15.04
CA SER A 235 5.39 -3.88 15.13
C SER A 235 5.22 -3.27 13.73
N PHE A 236 5.90 -3.82 12.73
CA PHE A 236 5.77 -3.32 11.38
C PHE A 236 4.40 -3.67 10.80
N LYS A 237 3.90 -4.89 11.07
CA LYS A 237 2.56 -5.26 10.64
C LYS A 237 1.53 -4.29 11.23
N ARG A 238 1.63 -4.00 12.53
CA ARG A 238 0.68 -3.16 13.21
C ARG A 238 0.69 -1.74 12.64
N ALA A 239 1.87 -1.24 12.26
CA ALA A 239 1.96 0.08 11.65
C ALA A 239 1.28 0.11 10.27
N ASP A 240 1.39 -0.98 9.50
CA ASP A 240 0.71 -1.07 8.22
C ASP A 240 -0.80 -0.96 8.43
N ILE A 241 -1.33 -1.58 9.50
CA ILE A 241 -2.76 -1.60 9.76
C ILE A 241 -3.28 -0.17 10.01
N TYR A 242 -2.52 0.63 10.76
CA TYR A 242 -2.88 2.03 10.99
C TYR A 242 -3.04 2.75 9.65
N ALA A 243 -2.06 2.54 8.76
CA ALA A 243 -2.10 3.17 7.45
C ALA A 243 -3.30 2.68 6.64
N MET A 244 -3.60 1.38 6.68
CA MET A 244 -4.75 0.87 5.94
C MET A 244 -6.05 1.52 6.46
N GLY A 245 -6.13 1.77 7.77
CA GLY A 245 -7.28 2.46 8.33
C GLY A 245 -7.48 3.83 7.72
N LEU A 246 -6.37 4.56 7.54
CA LEU A 246 -6.43 5.85 6.87
C LEU A 246 -6.91 5.72 5.42
N VAL A 247 -6.44 4.72 4.68
CA VAL A 247 -6.89 4.47 3.33
C VAL A 247 -8.40 4.17 3.30
N PHE A 248 -8.88 3.39 4.28
CA PHE A 248 -10.30 3.09 4.32
C PHE A 248 -11.14 4.36 4.47
N TRP A 249 -10.67 5.29 5.31
CA TRP A 249 -11.34 6.57 5.49
C TRP A 249 -11.41 7.32 4.16
N GLU A 250 -10.33 7.30 3.38
CA GLU A 250 -10.33 7.96 2.07
C GLU A 250 -11.42 7.37 1.16
N ILE A 251 -11.56 6.04 1.17
CA ILE A 251 -12.53 5.35 0.33
C ILE A 251 -13.95 5.73 0.78
N ALA A 252 -14.20 5.65 2.08
CA ALA A 252 -15.56 5.79 2.61
C ALA A 252 -16.11 7.20 2.33
N ARG A 253 -15.24 8.21 2.35
CA ARG A 253 -15.66 9.56 2.00
C ARG A 253 -16.34 9.58 0.63
N ARG A 254 -15.88 8.74 -0.30
CA ARG A 254 -16.32 8.79 -1.68
C ARG A 254 -17.50 7.84 -1.93
N CYS A 255 -17.97 7.16 -0.89
CA CYS A 255 -19.13 6.29 -1.00
C CYS A 255 -20.41 7.12 -1.06
N SER A 256 -21.02 7.18 -2.24
CA SER A 256 -22.16 8.05 -2.52
C SER A 256 -23.47 7.28 -2.37
N ILE A 257 -24.34 7.75 -1.46
CA ILE A 257 -25.66 7.17 -1.25
C ILE A 257 -26.70 8.29 -1.42
N GLY A 258 -27.65 8.08 -2.32
CA GLY A 258 -28.63 9.10 -2.63
C GLY A 258 -27.99 10.41 -3.10
N GLY A 259 -26.83 10.31 -3.77
CA GLY A 259 -26.14 11.46 -4.31
C GLY A 259 -25.29 12.21 -3.28
N ILE A 260 -25.23 11.67 -2.05
CA ILE A 260 -24.55 12.35 -0.95
C ILE A 260 -23.22 11.65 -0.66
N HIS A 261 -22.16 12.45 -0.58
CA HIS A 261 -20.80 11.95 -0.33
C HIS A 261 -19.95 13.15 0.08
N GLU A 262 -18.76 12.87 0.62
CA GLU A 262 -17.79 13.90 0.94
C GLU A 262 -16.84 14.10 -0.23
N ASP A 263 -16.15 15.25 -0.30
CA ASP A 263 -15.14 15.46 -1.33
C ASP A 263 -13.90 14.65 -0.98
N TYR A 264 -13.07 14.39 -2.01
CA TYR A 264 -11.82 13.67 -1.82
C TYR A 264 -10.93 14.51 -0.90
N GLN A 265 -10.37 13.87 0.13
CA GLN A 265 -9.27 14.45 0.88
C GLN A 265 -8.31 13.36 1.34
N LEU A 266 -7.04 13.76 1.51
CA LEU A 266 -6.06 12.95 2.19
C LEU A 266 -6.34 12.97 3.69
N PRO A 267 -5.93 11.93 4.44
CA PRO A 267 -6.10 11.96 5.90
C PRO A 267 -5.31 13.11 6.50
N TYR A 268 -5.92 13.80 7.48
CA TYR A 268 -5.35 14.92 8.20
C TYR A 268 -5.29 16.20 7.37
N TYR A 269 -6.06 16.26 6.28
CA TYR A 269 -6.10 17.42 5.39
C TYR A 269 -6.48 18.67 6.19
N ASP A 270 -7.23 18.42 7.28
CA ASP A 270 -7.84 19.42 8.15
C ASP A 270 -6.92 19.87 9.29
N LEU A 271 -5.67 19.39 9.35
CA LEU A 271 -4.85 19.52 10.55
C LEU A 271 -3.37 19.73 10.28
N VAL A 272 -2.88 19.41 9.06
CA VAL A 272 -1.47 19.52 8.76
C VAL A 272 -1.28 20.10 7.37
N PRO A 273 -0.09 20.65 7.07
CA PRO A 273 0.19 21.18 5.74
C PRO A 273 0.28 20.06 4.71
N SER A 274 0.21 20.42 3.43
CA SER A 274 0.63 19.52 2.38
C SER A 274 2.11 19.25 2.64
N ASP A 275 2.54 18.02 2.35
CA ASP A 275 3.91 17.60 2.59
C ASP A 275 4.33 17.87 4.04
N PRO A 276 3.64 17.28 5.02
CA PRO A 276 3.91 17.57 6.43
C PRO A 276 5.22 16.97 6.92
N SER A 277 5.80 17.61 7.94
CA SER A 277 6.97 17.09 8.63
C SER A 277 6.57 16.03 9.67
N VAL A 278 7.57 15.27 10.12
CA VAL A 278 7.38 14.34 11.22
C VAL A 278 6.89 15.11 12.44
N GLU A 279 7.47 16.29 12.74
CA GLU A 279 7.07 17.02 13.93
C GLU A 279 5.62 17.51 13.84
N GLU A 280 5.19 17.99 12.66
CA GLU A 280 3.82 18.44 12.48
C GLU A 280 2.86 17.26 12.70
N MET A 281 3.21 16.12 12.11
CA MET A 281 2.40 14.93 12.28
C MET A 281 2.37 14.49 13.76
N ARG A 282 3.53 14.46 14.40
CA ARG A 282 3.63 13.97 15.76
C ARG A 282 2.77 14.82 16.71
N LYS A 283 2.79 16.14 16.53
CA LYS A 283 2.00 17.01 17.39
C LYS A 283 0.50 16.70 17.29
N VAL A 284 0.03 16.36 16.09
CA VAL A 284 -1.38 16.08 15.87
C VAL A 284 -1.74 14.67 16.34
N VAL A 285 -0.99 13.68 15.86
CA VAL A 285 -1.32 12.26 16.05
C VAL A 285 -0.93 11.75 17.44
N CYS A 286 0.23 12.17 17.95
CA CYS A 286 0.74 11.67 19.21
C CYS A 286 0.32 12.53 20.40
N GLU A 287 0.43 13.87 20.27
CA GLU A 287 0.26 14.75 21.41
C GLU A 287 -1.23 15.12 21.56
N GLN A 288 -1.84 15.66 20.50
CA GLN A 288 -3.25 16.00 20.56
C GLN A 288 -4.14 14.77 20.41
N LYS A 289 -3.58 13.69 19.86
CA LYS A 289 -4.24 12.39 19.78
C LYS A 289 -5.47 12.42 18.87
N LEU A 290 -5.37 13.17 17.77
CA LEU A 290 -6.46 13.25 16.81
C LEU A 290 -6.28 12.21 15.71
N ARG A 291 -7.44 11.83 15.16
CA ARG A 291 -7.53 10.93 14.01
C ARG A 291 -8.47 11.56 13.00
N PRO A 292 -8.55 11.08 11.74
CA PRO A 292 -9.49 11.67 10.79
C PRO A 292 -10.93 11.62 11.34
N ASN A 293 -11.71 12.66 11.01
CA ASN A 293 -13.07 12.77 11.51
C ASN A 293 -13.99 11.77 10.83
N ILE A 294 -14.86 11.13 11.61
CA ILE A 294 -15.86 10.23 11.06
C ILE A 294 -17.18 10.99 10.94
N PRO A 295 -17.63 11.32 9.71
CA PRO A 295 -18.86 12.10 9.52
C PRO A 295 -20.09 11.41 10.11
N ASN A 296 -21.07 12.22 10.52
CA ASN A 296 -22.30 11.68 11.10
C ASN A 296 -23.03 10.84 10.05
N ARG A 297 -22.94 11.25 8.78
CA ARG A 297 -23.54 10.54 7.66
C ARG A 297 -23.27 9.04 7.72
N TRP A 298 -22.09 8.63 8.22
CA TRP A 298 -21.66 7.25 8.10
C TRP A 298 -22.40 6.34 9.09
N GLN A 299 -23.29 6.91 9.91
CA GLN A 299 -24.08 6.11 10.83
C GLN A 299 -25.39 5.66 10.18
N SER A 300 -25.75 6.24 9.02
CA SER A 300 -27.04 5.98 8.42
C SER A 300 -27.04 4.71 7.57
N CYS A 301 -25.92 3.97 7.56
CA CYS A 301 -25.70 2.92 6.57
C CYS A 301 -24.87 1.82 7.22
N GLU A 302 -25.31 0.55 7.13
CA GLU A 302 -24.64 -0.55 7.83
C GLU A 302 -23.19 -0.69 7.36
N ALA A 303 -22.98 -0.68 6.05
CA ALA A 303 -21.66 -0.81 5.46
C ALA A 303 -20.73 0.28 5.98
N LEU A 304 -21.21 1.53 6.01
CA LEU A 304 -20.39 2.64 6.48
C LEU A 304 -20.16 2.56 7.99
N ARG A 305 -21.12 2.01 8.75
CA ARG A 305 -20.91 1.80 10.18
C ARG A 305 -19.81 0.76 10.42
N VAL A 306 -19.80 -0.33 9.63
CA VAL A 306 -18.80 -1.37 9.78
C VAL A 306 -17.42 -0.82 9.41
N MET A 307 -17.37 -0.02 8.35
CA MET A 307 -16.11 0.59 7.90
C MET A 307 -15.57 1.53 8.97
N ALA A 308 -16.45 2.35 9.56
CA ALA A 308 -16.03 3.31 10.57
C ALA A 308 -15.49 2.60 11.82
N LYS A 309 -16.10 1.47 12.22
CA LYS A 309 -15.65 0.71 13.37
C LYS A 309 -14.26 0.10 13.09
N ILE A 310 -14.05 -0.40 11.87
CA ILE A 310 -12.73 -0.89 11.47
C ILE A 310 -11.69 0.23 11.60
N MET A 311 -12.02 1.40 11.07
CA MET A 311 -11.08 2.52 11.14
C MET A 311 -10.66 2.80 12.58
N ARG A 312 -11.63 2.94 13.49
CA ARG A 312 -11.31 3.24 14.88
CA ARG A 312 -11.32 3.24 14.88
C ARG A 312 -10.37 2.18 15.44
N GLU A 313 -10.61 0.92 15.07
CA GLU A 313 -9.89 -0.22 15.62
C GLU A 313 -8.57 -0.45 14.89
N CYS A 314 -8.26 0.39 13.88
CA CYS A 314 -6.94 0.47 13.27
C CYS A 314 -6.12 1.63 13.84
N TRP A 315 -6.77 2.54 14.59
CA TRP A 315 -6.18 3.83 14.90
C TRP A 315 -5.74 3.98 16.36
N TYR A 316 -5.85 2.94 17.17
CA TYR A 316 -5.35 3.01 18.53
C TYR A 316 -3.86 3.35 18.54
N ALA A 317 -3.42 4.13 19.53
CA ALA A 317 -2.03 4.52 19.69
C ALA A 317 -1.14 3.29 19.92
N ASN A 318 -1.66 2.33 20.70
CA ASN A 318 -0.97 1.10 20.98
C ASN A 318 -1.23 0.09 19.87
N GLY A 319 -0.18 -0.25 19.12
CA GLY A 319 -0.29 -1.16 18.00
C GLY A 319 -0.89 -2.52 18.35
N ALA A 320 -0.58 -3.03 19.55
CA ALA A 320 -1.05 -4.35 19.95
C ALA A 320 -2.58 -4.41 20.03
N ALA A 321 -3.26 -3.25 20.20
CA ALA A 321 -4.71 -3.20 20.28
C ALA A 321 -5.40 -3.26 18.92
N ARG A 322 -4.66 -2.98 17.84
CA ARG A 322 -5.26 -2.85 16.52
C ARG A 322 -5.72 -4.21 15.99
N LEU A 323 -6.70 -4.17 15.10
CA LEU A 323 -7.12 -5.35 14.35
C LEU A 323 -5.95 -5.88 13.51
N THR A 324 -6.02 -7.17 13.17
CA THR A 324 -5.15 -7.76 12.15
C THR A 324 -5.78 -7.61 10.77
N ALA A 325 -4.94 -7.71 9.73
CA ALA A 325 -5.44 -7.70 8.37
C ALA A 325 -6.38 -8.88 8.12
N LEU A 326 -6.05 -10.05 8.69
CA LEU A 326 -6.89 -11.23 8.50
C LEU A 326 -8.27 -11.01 9.12
N ARG A 327 -8.33 -10.38 10.30
CA ARG A 327 -9.61 -10.13 10.95
C ARG A 327 -10.42 -9.10 10.14
N ILE A 328 -9.77 -8.09 9.54
CA ILE A 328 -10.47 -7.11 8.74
C ILE A 328 -11.05 -7.77 7.48
N LYS A 329 -10.27 -8.64 6.86
CA LYS A 329 -10.71 -9.39 5.69
C LYS A 329 -11.97 -10.21 6.01
N LYS A 330 -11.96 -10.88 7.17
CA LYS A 330 -13.09 -11.71 7.58
C LYS A 330 -14.33 -10.85 7.75
N THR A 331 -14.19 -9.71 8.44
CA THR A 331 -15.29 -8.81 8.69
C THR A 331 -15.88 -8.29 7.38
N LEU A 332 -15.03 -7.89 6.42
CA LEU A 332 -15.50 -7.32 5.17
C LEU A 332 -16.06 -8.41 4.24
N SER A 333 -15.52 -9.63 4.36
CA SER A 333 -16.03 -10.75 3.58
CA SER A 333 -16.02 -10.76 3.60
C SER A 333 -17.46 -11.06 4.00
N GLN A 334 -17.71 -11.03 5.31
CA GLN A 334 -19.03 -11.28 5.87
C GLN A 334 -19.99 -10.16 5.47
N LEU A 335 -19.51 -8.91 5.55
CA LEU A 335 -20.31 -7.76 5.15
C LEU A 335 -20.64 -7.84 3.66
N SER A 336 -19.66 -8.30 2.87
CA SER A 336 -19.76 -8.43 1.42
C SER A 336 -20.85 -9.45 1.04
N GLN A 337 -21.11 -10.41 1.93
CA GLN A 337 -22.12 -11.44 1.69
C GLN A 337 -23.50 -10.91 2.08
N GLN A 338 -23.60 -10.19 3.20
CA GLN A 338 -24.87 -9.71 3.71
C GLN A 338 -25.56 -8.79 2.70
C1 A1D6I B . 7.40 -2.99 -9.79
C2 A1D6I B . 6.73 -1.92 -10.60
C3 A1D6I B . 5.32 -0.07 -10.57
C4 A1D6I B . 5.40 0.08 -11.95
C5 A1D6I B . 6.15 -0.82 -12.66
C6 A1D6I B . 6.83 -1.83 -11.98
C7 A1D6I B . 4.53 0.87 -9.76
C8 A1D6I B . 3.34 1.51 -10.02
C9 A1D6I B . 4.09 2.29 -8.14
C12 A1D6I B . 4.94 5.31 -8.56
C13 A1D6I B . 5.27 6.42 -9.32
C16 A1D6I B . 3.29 6.59 -7.45
C17 A1D6I B . 2.34 1.31 -11.09
C18 A1D6I B . 1.57 2.37 -11.57
C19 A1D6I B . 0.44 0.85 -13.06
C20 A1D6I B . -0.88 2.22 -14.00
C22 A1D6I B . 2.15 0.02 -11.62
N1 A1D6I B . 5.98 -1.04 -9.90
N2 A1D6I B . 3.06 2.38 -8.96
N3 A1D6I B . 5.00 1.41 -8.59
C10 A1D6I B . 4.27 3.04 -6.84
N4 A1D6I B . 3.55 4.29 -6.85
C11 A1D6I B . 3.91 5.37 -7.61
C14 A1D6I B . 4.60 7.61 -9.13
C15 A1D6I B . 3.61 7.70 -8.17
F1 A1D6I B . 2.33 6.68 -6.50
N5 A1D6I B . 0.65 2.09 -12.55
N6 A1D6I B . -0.55 0.93 -13.96
N7 A1D6I B . -0.19 2.98 -13.15
C21 A1D6I B . 1.21 -0.22 -12.58
#